data_8XDJ
#
_entry.id   8XDJ
#
_cell.length_a   144.199
_cell.length_b   53.296
_cell.length_c   88.021
_cell.angle_alpha   90.000
_cell.angle_beta   122.310
_cell.angle_gamma   90.000
#
_symmetry.space_group_name_H-M   'C 1 2 1'
#
loop_
_entity.id
_entity.type
_entity.pdbx_description
1 polymer 'HEPN toxin'
2 non-polymer 'ADENOSINE MONOPHOSPHATE'
3 non-polymer 'MAGNESIUM ION'
4 water water
#
_entity_poly.entity_id   1
_entity_poly.type   'polypeptide(L)'
_entity_poly.pdbx_seq_one_letter_code
;MTNIDVRWQQRLNNYARALQQLSLAVNLAQTRPLSDLEKQGLIQAFEFTHELAWNVMKDYFFFQGNSAITGSRDATRESF
NKGLIKEGEIWMEMIKSRNQTSHTYNQSVADEIVKNIINFYHTSFQAFLEKMQGLKEHE
;
_entity_poly.pdbx_strand_id   A,B,C,D
#
loop_
_chem_comp.id
_chem_comp.type
_chem_comp.name
_chem_comp.formula
AMP non-polymer 'ADENOSINE MONOPHOSPHATE' 'C10 H14 N5 O7 P'
MG non-polymer 'MAGNESIUM ION' 'Mg 2'
#
# COMPACT_ATOMS: atom_id res chain seq x y z
N ARG A 7 -1.12 13.36 -7.92
CA ARG A 7 -0.01 13.68 -8.79
C ARG A 7 1.35 13.43 -8.16
N TRP A 8 2.17 12.71 -8.92
CA TRP A 8 3.47 12.31 -8.41
C TRP A 8 4.39 13.52 -8.23
N GLN A 9 4.21 14.58 -9.02
CA GLN A 9 5.09 15.72 -8.87
C GLN A 9 4.77 16.49 -7.59
N GLN A 10 3.50 16.54 -7.18
CA GLN A 10 3.23 17.18 -5.89
C GLN A 10 3.75 16.34 -4.74
N ARG A 11 3.67 15.02 -4.86
CA ARG A 11 4.28 14.17 -3.85
C ARG A 11 5.79 14.39 -3.81
N LEU A 12 6.41 14.57 -4.98
CA LEU A 12 7.83 14.84 -5.01
C LEU A 12 8.16 16.17 -4.33
N ASN A 13 7.28 17.17 -4.46
CA ASN A 13 7.54 18.46 -3.81
C ASN A 13 7.53 18.29 -2.31
N ASN A 14 6.60 17.49 -1.81
CA ASN A 14 6.56 17.25 -0.37
C ASN A 14 7.75 16.43 0.09
N TYR A 15 8.12 15.42 -0.68
CA TYR A 15 9.35 14.67 -0.39
C TYR A 15 10.55 15.61 -0.24
N ALA A 16 10.72 16.54 -1.18
CA ALA A 16 11.85 17.45 -1.11
C ALA A 16 11.81 18.27 0.18
N ARG A 17 10.60 18.67 0.60
CA ARG A 17 10.46 19.47 1.82
C ARG A 17 10.87 18.66 3.04
N ALA A 18 10.40 17.43 3.10
CA ALA A 18 10.74 16.55 4.20
C ALA A 18 12.23 16.25 4.21
N LEU A 19 12.80 16.01 3.04
CA LEU A 19 14.23 15.70 2.98
C LEU A 19 15.06 16.88 3.42
N GLN A 20 14.60 18.10 3.13
CA GLN A 20 15.34 19.27 3.58
C GLN A 20 15.47 19.26 5.09
N GLN A 21 14.41 18.81 5.78
CA GLN A 21 14.45 18.76 7.23
C GLN A 21 15.39 17.70 7.73
N LEU A 22 15.35 16.52 7.10
CA LEU A 22 16.28 15.48 7.45
C LEU A 22 17.70 15.94 7.20
N SER A 23 17.93 16.61 6.07
CA SER A 23 19.27 17.11 5.75
C SER A 23 19.79 18.06 6.81
N LEU A 24 18.94 18.98 7.30
CA LEU A 24 19.41 19.90 8.32
C LEU A 24 19.77 19.15 9.61
N ALA A 25 19.02 18.10 9.93
CA ALA A 25 19.34 17.31 11.11
C ALA A 25 20.64 16.53 10.91
N VAL A 26 20.84 15.92 9.74
CA VAL A 26 22.10 15.22 9.48
C VAL A 26 23.29 16.18 9.55
N ASN A 27 23.13 17.38 8.97
CA ASN A 27 24.19 18.38 9.05
C ASN A 27 24.50 18.72 10.50
N LEU A 28 23.46 18.92 11.31
CA LEU A 28 23.66 19.16 12.73
C LEU A 28 24.49 18.04 13.34
N ALA A 29 24.13 16.78 13.02
CA ALA A 29 24.80 15.65 13.64
C ALA A 29 26.28 15.58 13.21
N GLN A 30 26.60 16.12 12.03
CA GLN A 30 27.99 16.18 11.60
C GLN A 30 28.79 17.22 12.38
N THR A 31 28.12 18.17 13.03
CA THR A 31 28.84 19.22 13.73
C THR A 31 28.99 18.95 15.22
N ARG A 32 28.18 18.09 15.80
CA ARG A 32 28.21 17.86 17.25
C ARG A 32 27.41 16.60 17.55
N PRO A 33 27.68 15.94 18.67
CA PRO A 33 26.86 14.79 19.04
C PRO A 33 25.41 15.21 19.23
N LEU A 34 24.48 14.39 18.73
CA LEU A 34 23.07 14.57 19.03
C LEU A 34 22.73 14.09 20.45
N SER A 35 21.80 14.79 21.09
CA SER A 35 21.24 14.26 22.33
C SER A 35 20.37 13.04 22.04
N ASP A 36 20.02 12.31 23.11
CA ASP A 36 19.12 11.17 22.94
C ASP A 36 17.79 11.59 22.33
N LEU A 37 17.27 12.74 22.76
CA LEU A 37 16.01 13.20 22.21
C LEU A 37 16.17 13.61 20.75
N GLU A 38 17.27 14.28 20.42
CA GLU A 38 17.51 14.62 19.00
C GLU A 38 17.71 13.40 18.13
N LYS A 39 18.34 12.33 18.65
CA LYS A 39 18.44 11.09 17.88
C LYS A 39 17.07 10.51 17.57
N GLN A 40 16.13 10.54 18.54
CA GLN A 40 14.77 10.10 18.23
C GLN A 40 14.12 10.99 17.17
N GLY A 41 14.43 12.29 17.18
CA GLY A 41 13.92 13.17 16.13
C GLY A 41 14.48 12.84 14.78
N LEU A 42 15.77 12.46 14.72
CA LEU A 42 16.37 12.11 13.43
C LEU A 42 15.71 10.87 12.87
N ILE A 43 15.39 9.92 13.74
CA ILE A 43 14.67 8.73 13.30
C ILE A 43 13.29 9.10 12.79
N GLN A 44 12.57 9.99 13.50
CA GLN A 44 11.24 10.37 13.03
C GLN A 44 11.31 11.04 11.64
N ALA A 45 12.31 11.90 11.43
CA ALA A 45 12.47 12.56 10.14
C ALA A 45 12.83 11.55 9.04
N PHE A 46 13.63 10.54 9.39
CA PHE A 46 13.87 9.46 8.43
C PHE A 46 12.56 8.77 8.07
N GLU A 47 11.70 8.54 9.08
CA GLU A 47 10.47 7.80 8.82
C GLU A 47 9.54 8.60 7.90
N PHE A 48 9.37 9.92 8.11
CA PHE A 48 8.45 10.62 7.20
C PHE A 48 9.09 10.87 5.84
N THR A 49 10.42 10.87 5.75
CA THR A 49 11.05 11.04 4.45
C THR A 49 10.95 9.75 3.64
N HIS A 50 11.20 8.62 4.30
CA HIS A 50 11.06 7.33 3.61
C HIS A 50 9.62 7.08 3.16
N GLU A 51 8.65 7.41 4.03
CA GLU A 51 7.24 7.23 3.67
C GLU A 51 6.88 8.03 2.43
N LEU A 52 7.34 9.29 2.35
CA LEU A 52 7.14 10.06 1.13
C LEU A 52 7.87 9.43 -0.05
N ALA A 53 9.12 8.98 0.15
CA ALA A 53 9.87 8.44 -0.99
C ALA A 53 9.14 7.28 -1.67
N TRP A 54 8.71 6.28 -0.91
CA TRP A 54 8.12 5.14 -1.61
C TRP A 54 6.76 5.51 -2.18
N ASN A 55 6.10 6.51 -1.61
CA ASN A 55 4.86 6.98 -2.20
C ASN A 55 5.13 7.76 -3.50
N VAL A 56 6.25 8.51 -3.59
CA VAL A 56 6.66 9.05 -4.91
C VAL A 56 6.80 7.93 -5.92
N MET A 57 7.50 6.85 -5.53
CA MET A 57 7.70 5.73 -6.44
C MET A 57 6.37 5.18 -6.90
N LYS A 58 5.46 4.93 -5.93
CA LYS A 58 4.15 4.38 -6.31
C LYS A 58 3.37 5.33 -7.20
N ASP A 59 3.34 6.63 -6.87
CA ASP A 59 2.64 7.62 -7.66
C ASP A 59 3.22 7.66 -9.07
N TYR A 60 4.55 7.58 -9.17
CA TYR A 60 5.19 7.69 -10.48
C TYR A 60 4.82 6.52 -11.35
N PHE A 61 4.83 5.31 -10.77
CA PHE A 61 4.49 4.16 -11.60
C PHE A 61 3.00 4.14 -11.92
N PHE A 62 2.14 4.66 -11.04
CA PHE A 62 0.74 4.83 -11.42
C PHE A 62 0.60 5.75 -12.63
N PHE A 63 1.33 6.87 -12.62
CA PHE A 63 1.37 7.79 -13.77
C PHE A 63 1.82 7.08 -15.03
N GLN A 64 2.75 6.13 -14.87
CA GLN A 64 3.22 5.33 -16.01
C GLN A 64 2.21 4.29 -16.44
N GLY A 65 1.16 4.08 -15.66
CA GLY A 65 0.16 3.07 -15.97
C GLY A 65 0.30 1.75 -15.26
N ASN A 66 1.07 1.69 -14.19
CA ASN A 66 1.24 0.45 -13.44
C ASN A 66 0.46 0.68 -12.16
N SER A 67 -0.70 0.01 -12.04
CA SER A 67 -1.51 0.13 -10.85
C SER A 67 -1.44 -1.13 -9.99
N ALA A 68 -0.41 -1.99 -10.21
CA ALA A 68 -0.25 -3.23 -9.45
C ALA A 68 0.58 -3.07 -8.18
N ILE A 69 1.32 -1.99 -8.07
CA ILE A 69 2.16 -1.77 -6.91
C ILE A 69 1.25 -1.48 -5.72
N THR A 70 1.48 -2.17 -4.60
CA THR A 70 0.64 -1.91 -3.43
C THR A 70 1.41 -1.17 -2.35
N GLY A 71 2.53 -1.71 -1.88
CA GLY A 71 3.20 -1.14 -0.72
C GLY A 71 4.64 -0.78 -0.96
N SER A 72 5.41 -0.60 0.12
CA SER A 72 6.75 -0.05 -0.02
C SER A 72 7.72 -1.07 -0.59
N ARG A 73 7.55 -2.37 -0.30
CA ARG A 73 8.46 -3.36 -0.88
C ARG A 73 8.24 -3.46 -2.39
N ASP A 74 6.98 -3.51 -2.84
CA ASP A 74 6.66 -3.50 -4.28
C ASP A 74 7.24 -2.28 -4.95
N ALA A 75 7.03 -1.10 -4.34
CA ALA A 75 7.48 0.13 -4.97
C ALA A 75 9.00 0.18 -5.06
N THR A 76 9.69 -0.28 -4.00
CA THR A 76 11.15 -0.29 -4.03
C THR A 76 11.68 -1.25 -5.07
N ARG A 77 11.07 -2.42 -5.17
CA ARG A 77 11.52 -3.41 -6.14
C ARG A 77 11.34 -2.90 -7.55
N GLU A 78 10.20 -2.27 -7.83
CA GLU A 78 9.96 -1.78 -9.18
C GLU A 78 10.88 -0.61 -9.48
N SER A 79 11.14 0.25 -8.49
CA SER A 79 12.06 1.36 -8.72
C SER A 79 13.47 0.87 -9.04
N PHE A 80 13.91 -0.19 -8.37
CA PHE A 80 15.22 -0.77 -8.69
C PHE A 80 15.20 -1.38 -10.10
N ASN A 81 14.15 -2.14 -10.42
CA ASN A 81 14.09 -2.77 -11.74
C ASN A 81 14.09 -1.76 -12.87
N LYS A 82 13.47 -0.61 -12.67
CA LYS A 82 13.37 0.41 -13.70
C LYS A 82 14.43 1.50 -13.59
N GLY A 83 15.36 1.35 -12.66
CA GLY A 83 16.49 2.28 -12.57
C GLY A 83 16.21 3.60 -11.88
N LEU A 84 15.10 3.71 -11.15
CA LEU A 84 14.86 4.92 -10.36
C LEU A 84 15.79 4.98 -9.14
N ILE A 85 16.18 3.82 -8.62
CA ILE A 85 17.19 3.72 -7.58
C ILE A 85 18.23 2.72 -8.06
N LYS A 86 19.46 2.90 -7.58
CA LYS A 86 20.54 1.98 -7.89
C LYS A 86 20.93 1.15 -6.69
N GLU A 87 20.84 1.72 -5.48
CA GLU A 87 21.30 1.01 -4.29
C GLU A 87 20.11 0.26 -3.70
N GLY A 88 19.75 -0.85 -4.35
CA GLY A 88 18.60 -1.60 -3.86
C GLY A 88 18.80 -2.08 -2.44
N GLU A 89 20.02 -2.45 -2.08
CA GLU A 89 20.26 -3.02 -0.76
C GLU A 89 19.98 -2.00 0.32
N ILE A 90 20.37 -0.75 0.08
CA ILE A 90 20.15 0.29 1.09
C ILE A 90 18.67 0.60 1.22
N TRP A 91 17.95 0.70 0.09
CA TRP A 91 16.53 1.00 0.18
C TRP A 91 15.78 -0.16 0.82
N MET A 92 16.28 -1.39 0.66
CA MET A 92 15.65 -2.47 1.40
C MET A 92 16.00 -2.42 2.88
N GLU A 93 17.21 -1.97 3.23
CA GLU A 93 17.55 -1.77 4.64
C GLU A 93 16.68 -0.70 5.30
N MET A 94 16.27 0.33 4.55
CA MET A 94 15.39 1.37 5.09
C MET A 94 14.10 0.75 5.60
N ILE A 95 13.57 -0.24 4.87
CA ILE A 95 12.32 -0.87 5.29
C ILE A 95 12.56 -1.65 6.57
N LYS A 96 13.69 -2.34 6.66
CA LYS A 96 14.06 -3.01 7.91
C LYS A 96 14.10 -2.02 9.07
N SER A 97 14.75 -0.87 8.87
CA SER A 97 14.80 0.15 9.92
C SER A 97 13.41 0.65 10.32
N ARG A 98 12.52 0.89 9.33
CA ARG A 98 11.16 1.31 9.65
C ARG A 98 10.49 0.32 10.58
N ASN A 99 10.78 -0.96 10.38
CA ASN A 99 10.13 -2.02 11.15
C ASN A 99 10.66 -2.10 12.56
N GLN A 100 11.73 -1.37 12.87
CA GLN A 100 12.33 -1.35 14.19
C GLN A 100 11.90 -0.16 15.03
N THR A 101 11.05 0.70 14.47
CA THR A 101 10.71 1.98 15.07
C THR A 101 10.16 1.85 16.47
N SER A 102 9.42 0.77 16.76
CA SER A 102 8.84 0.69 18.10
C SER A 102 9.88 0.35 19.15
N HIS A 103 11.10 0.00 18.75
CA HIS A 103 12.12 -0.44 19.69
C HIS A 103 13.22 0.59 19.93
N THR A 104 13.05 1.86 19.47
CA THR A 104 14.16 2.80 19.60
C THR A 104 14.31 3.37 21.00
N TYR A 105 13.48 2.96 21.97
CA TYR A 105 13.79 3.34 23.34
C TYR A 105 14.95 2.50 23.90
N ASN A 106 15.40 1.50 23.15
CA ASN A 106 16.63 0.79 23.43
C ASN A 106 17.76 1.54 22.75
N GLN A 107 18.75 1.98 23.52
CA GLN A 107 19.78 2.84 22.96
C GLN A 107 20.52 2.19 21.81
N SER A 108 20.71 0.86 21.84
CA SER A 108 21.46 0.20 20.77
C SER A 108 20.68 0.18 19.46
N VAL A 109 19.35 0.07 19.54
CA VAL A 109 18.51 0.12 18.34
C VAL A 109 18.55 1.52 17.74
N ALA A 110 18.38 2.53 18.59
CA ALA A 110 18.40 3.90 18.09
C ALA A 110 19.74 4.24 17.46
N ASP A 111 20.84 3.87 18.13
CA ASP A 111 22.17 4.21 17.62
C ASP A 111 22.42 3.57 16.27
N GLU A 112 21.92 2.37 16.06
CA GLU A 112 22.13 1.70 14.80
C GLU A 112 21.35 2.37 13.67
N ILE A 113 20.08 2.76 13.93
CA ILE A 113 19.30 3.42 12.89
C ILE A 113 19.91 4.77 12.57
N VAL A 114 20.32 5.50 13.58
CA VAL A 114 20.95 6.82 13.36
C VAL A 114 22.19 6.67 12.51
N LYS A 115 23.03 5.69 12.85
CA LYS A 115 24.22 5.44 12.02
C LYS A 115 23.85 5.19 10.56
N ASN A 116 22.82 4.37 10.31
CA ASN A 116 22.46 4.10 8.92
C ASN A 116 21.90 5.32 8.26
N ILE A 117 21.09 6.12 8.98
CA ILE A 117 20.55 7.34 8.38
C ILE A 117 21.67 8.24 7.89
N ILE A 118 22.67 8.48 8.76
CA ILE A 118 23.73 9.44 8.45
C ILE A 118 24.69 8.88 7.40
N ASN A 119 25.06 7.61 7.52
CA ASN A 119 26.10 7.05 6.66
C ASN A 119 25.56 6.62 5.31
N PHE A 120 24.27 6.26 5.21
CA PHE A 120 23.77 5.67 3.98
C PHE A 120 22.46 6.28 3.48
N TYR A 121 21.45 6.41 4.34
CA TYR A 121 20.12 6.72 3.81
C TYR A 121 20.08 8.15 3.26
N HIS A 122 20.72 9.09 3.94
CA HIS A 122 20.62 10.48 3.49
C HIS A 122 21.12 10.62 2.04
N THR A 123 22.28 10.04 1.74
CA THR A 123 22.84 10.08 0.40
C THR A 123 21.90 9.43 -0.60
N SER A 124 21.30 8.30 -0.24
CA SER A 124 20.39 7.64 -1.18
C SER A 124 19.13 8.46 -1.42
N PHE A 125 18.63 9.14 -0.38
CA PHE A 125 17.47 9.99 -0.56
C PHE A 125 17.79 11.12 -1.53
N GLN A 126 18.98 11.70 -1.40
CA GLN A 126 19.41 12.78 -2.28
C GLN A 126 19.51 12.31 -3.72
N ALA A 127 20.07 11.11 -3.92
CA ALA A 127 20.20 10.59 -5.27
C ALA A 127 18.82 10.39 -5.89
N PHE A 128 17.89 9.86 -5.11
CA PHE A 128 16.53 9.63 -5.58
C PHE A 128 15.84 10.94 -5.94
N LEU A 129 16.02 11.98 -5.12
CA LEU A 129 15.47 13.30 -5.46
C LEU A 129 15.98 13.77 -6.82
N GLU A 130 17.31 13.68 -7.02
CA GLU A 130 17.93 14.11 -8.26
C GLU A 130 17.40 13.32 -9.45
N LYS A 131 17.22 12.00 -9.29
CA LYS A 131 16.73 11.15 -10.37
C LYS A 131 15.32 11.55 -10.75
N MET A 132 14.46 11.74 -9.74
CA MET A 132 13.05 12.01 -10.02
C MET A 132 12.87 13.41 -10.57
N GLN A 133 13.71 14.34 -10.13
CA GLN A 133 13.66 15.69 -10.71
C GLN A 133 13.99 15.65 -12.18
N GLY A 134 14.97 14.82 -12.56
CA GLY A 134 15.31 14.69 -13.97
C GLY A 134 14.18 14.09 -14.77
N LEU A 135 13.35 13.27 -14.13
CA LEU A 135 12.26 12.62 -14.84
C LEU A 135 11.07 13.53 -15.09
N LYS A 136 10.94 14.64 -14.36
CA LYS A 136 10.07 15.77 -14.72
C LYS A 136 10.24 16.90 -13.69
N VAL B 6 4.76 -13.61 34.16
CA VAL B 6 3.54 -13.09 33.53
C VAL B 6 3.82 -12.13 32.38
N ARG B 7 3.29 -12.47 31.19
CA ARG B 7 3.66 -11.74 29.97
C ARG B 7 3.26 -10.28 30.04
N TRP B 8 2.04 -9.97 30.50
CA TRP B 8 1.66 -8.56 30.55
C TRP B 8 2.54 -7.78 31.53
N GLN B 9 3.02 -8.43 32.60
CA GLN B 9 3.89 -7.74 33.56
C GLN B 9 5.27 -7.48 32.95
N GLN B 10 5.75 -8.40 32.10
CA GLN B 10 7.01 -8.15 31.42
C GLN B 10 6.87 -7.00 30.44
N ARG B 11 5.73 -6.94 29.74
CA ARG B 11 5.51 -5.82 28.83
C ARG B 11 5.45 -4.52 29.63
N LEU B 12 4.80 -4.57 30.79
CA LEU B 12 4.72 -3.40 31.67
C LEU B 12 6.09 -2.85 32.02
N ASN B 13 7.06 -3.73 32.27
CA ASN B 13 8.38 -3.23 32.61
C ASN B 13 8.97 -2.44 31.46
N ASN B 14 8.77 -2.91 30.23
CA ASN B 14 9.29 -2.18 29.09
C ASN B 14 8.53 -0.88 28.88
N TYR B 15 7.21 -0.92 29.06
CA TYR B 15 6.42 0.30 29.04
C TYR B 15 6.95 1.32 30.05
N ALA B 16 7.25 0.89 31.26
CA ALA B 16 7.73 1.85 32.24
C ALA B 16 9.06 2.47 31.79
N ARG B 17 9.97 1.67 31.24
CA ARG B 17 11.24 2.18 30.69
C ARG B 17 11.01 3.17 29.56
N ALA B 18 10.11 2.84 28.64
CA ALA B 18 9.80 3.78 27.55
C ALA B 18 9.20 5.07 28.10
N LEU B 19 8.25 4.95 29.02
CA LEU B 19 7.59 6.12 29.58
C LEU B 19 8.58 7.01 30.33
N GLN B 20 9.55 6.40 31.01
CA GLN B 20 10.58 7.19 31.68
C GLN B 20 11.30 8.11 30.68
N GLN B 21 11.57 7.62 29.47
CA GLN B 21 12.22 8.46 28.46
C GLN B 21 11.28 9.54 27.96
N LEU B 22 10.03 9.18 27.71
CA LEU B 22 9.04 10.19 27.33
C LEU B 22 8.93 11.27 28.39
N SER B 23 8.89 10.88 29.67
CA SER B 23 8.74 11.86 30.76
C SER B 23 9.91 12.82 30.83
N LEU B 24 11.12 12.33 30.60
CA LEU B 24 12.28 13.22 30.57
C LEU B 24 12.06 14.33 29.55
N ALA B 25 11.58 13.97 28.36
CA ALA B 25 11.36 14.92 27.28
C ALA B 25 10.21 15.86 27.58
N VAL B 26 9.12 15.34 28.15
CA VAL B 26 7.99 16.19 28.50
C VAL B 26 8.40 17.20 29.56
N ASN B 27 9.16 16.75 30.55
CA ASN B 27 9.54 17.67 31.61
C ASN B 27 10.51 18.71 31.10
N LEU B 28 11.35 18.35 30.13
CA LEU B 28 12.18 19.34 29.43
C LEU B 28 11.33 20.33 28.65
N ALA B 29 10.28 19.84 27.99
CA ALA B 29 9.40 20.71 27.23
C ALA B 29 8.58 21.67 28.11
N GLN B 30 8.33 21.31 29.37
CA GLN B 30 7.67 22.25 30.28
C GLN B 30 8.63 23.36 30.70
N THR B 31 9.92 23.18 30.45
CA THR B 31 10.97 24.09 30.90
C THR B 31 11.42 25.10 29.85
N ARG B 32 11.51 24.71 28.58
CA ARG B 32 11.92 25.62 27.51
C ARG B 32 11.28 25.14 26.24
N PRO B 33 11.22 25.98 25.21
CA PRO B 33 10.73 25.53 23.91
C PRO B 33 11.65 24.47 23.33
N LEU B 34 11.05 23.44 22.73
CA LEU B 34 11.83 22.43 22.02
C LEU B 34 12.18 22.89 20.61
N SER B 35 13.36 22.47 20.14
CA SER B 35 13.70 22.70 18.73
C SER B 35 12.79 21.87 17.85
N ASP B 36 12.78 22.20 16.56
CA ASP B 36 11.99 21.40 15.63
C ASP B 36 12.38 19.94 15.68
N LEU B 37 13.69 19.64 15.72
CA LEU B 37 14.15 18.27 15.78
C LEU B 37 13.77 17.60 17.11
N GLU B 38 13.90 18.32 18.23
CA GLU B 38 13.46 17.78 19.51
C GLU B 38 11.96 17.48 19.53
N LYS B 39 11.15 18.34 18.91
CA LYS B 39 9.71 18.02 18.78
C LYS B 39 9.49 16.70 18.06
N GLN B 40 10.22 16.49 16.94
CA GLN B 40 10.14 15.20 16.26
C GLN B 40 10.53 14.07 17.20
N GLY B 41 11.50 14.31 18.10
CA GLY B 41 11.90 13.28 19.05
C GLY B 41 10.84 12.98 20.08
N LEU B 42 10.14 14.03 20.54
CA LEU B 42 9.06 13.85 21.49
C LEU B 42 7.96 13.03 20.87
N ILE B 43 7.69 13.28 19.59
CA ILE B 43 6.68 12.49 18.88
C ILE B 43 7.10 11.03 18.78
N GLN B 44 8.36 10.77 18.43
CA GLN B 44 8.82 9.39 18.36
C GLN B 44 8.71 8.69 19.73
N ALA B 45 9.04 9.39 20.82
CA ALA B 45 8.92 8.75 22.13
C ALA B 45 7.46 8.50 22.49
N PHE B 46 6.57 9.42 22.13
CA PHE B 46 5.15 9.14 22.29
C PHE B 46 4.77 7.89 21.51
N GLU B 47 5.31 7.71 20.28
CA GLU B 47 4.94 6.56 19.49
C GLU B 47 5.41 5.26 20.14
N PHE B 48 6.64 5.19 20.66
CA PHE B 48 7.04 3.92 21.25
C PHE B 48 6.41 3.70 22.62
N THR B 49 5.98 4.77 23.31
CA THR B 49 5.31 4.59 24.60
C THR B 49 3.87 4.13 24.40
N HIS B 50 3.15 4.75 23.44
CA HIS B 50 1.78 4.32 23.16
C HIS B 50 1.76 2.89 22.65
N GLU B 51 2.72 2.52 21.80
CA GLU B 51 2.77 1.15 21.30
C GLU B 51 2.90 0.15 22.44
N LEU B 52 3.77 0.41 23.40
CA LEU B 52 3.89 -0.45 24.58
C LEU B 52 2.61 -0.42 25.40
N ALA B 53 1.98 0.75 25.55
CA ALA B 53 0.81 0.83 26.41
C ALA B 53 -0.31 -0.07 25.92
N TRP B 54 -0.66 0.03 24.64
CA TRP B 54 -1.78 -0.78 24.21
C TRP B 54 -1.42 -2.26 24.12
N ASN B 55 -0.14 -2.60 23.93
CA ASN B 55 0.23 -4.00 24.00
C ASN B 55 0.18 -4.54 25.42
N VAL B 56 0.44 -3.69 26.42
CA VAL B 56 0.17 -4.13 27.80
C VAL B 56 -1.30 -4.49 27.97
N MET B 57 -2.18 -3.59 27.52
CA MET B 57 -3.62 -3.84 27.50
C MET B 57 -3.95 -5.18 26.84
N LYS B 58 -3.52 -5.35 25.58
CA LYS B 58 -3.79 -6.60 24.87
C LYS B 58 -3.27 -7.81 25.64
N ASP B 59 -2.02 -7.75 26.13
CA ASP B 59 -1.47 -8.85 26.92
C ASP B 59 -2.34 -9.13 28.14
N TYR B 60 -2.75 -8.08 28.85
CA TYR B 60 -3.54 -8.25 30.08
C TYR B 60 -4.89 -8.89 29.78
N PHE B 61 -5.53 -8.45 28.69
CA PHE B 61 -6.86 -8.99 28.41
C PHE B 61 -6.77 -10.41 27.88
N PHE B 62 -5.69 -10.72 27.18
CA PHE B 62 -5.48 -12.10 26.75
C PHE B 62 -5.31 -13.01 27.96
N PHE B 63 -4.52 -12.57 28.94
CA PHE B 63 -4.37 -13.32 30.17
C PHE B 63 -5.71 -13.51 30.88
N GLN B 64 -6.59 -12.50 30.83
CA GLN B 64 -7.88 -12.62 31.51
C GLN B 64 -8.87 -13.52 30.79
N GLY B 65 -8.65 -13.78 29.50
CA GLY B 65 -9.52 -14.65 28.74
C GLY B 65 -10.06 -14.04 27.48
N ASN B 66 -9.73 -12.78 27.19
CA ASN B 66 -10.26 -12.06 26.02
C ASN B 66 -9.22 -12.06 24.92
N SER B 67 -9.47 -12.83 23.87
CA SER B 67 -8.53 -12.89 22.75
C SER B 67 -9.08 -12.21 21.49
N ALA B 68 -10.07 -11.33 21.63
CA ALA B 68 -10.69 -10.71 20.46
C ALA B 68 -10.11 -9.35 20.09
N ILE B 69 -8.96 -8.97 20.64
CA ILE B 69 -8.42 -7.62 20.48
C ILE B 69 -7.48 -7.61 19.29
N THR B 70 -7.79 -6.78 18.27
CA THR B 70 -7.04 -6.75 17.03
C THR B 70 -6.07 -5.59 16.90
N GLY B 71 -6.16 -4.59 17.77
CA GLY B 71 -5.24 -3.49 17.67
C GLY B 71 -5.51 -2.50 18.77
N SER B 72 -4.95 -1.30 18.61
CA SER B 72 -4.94 -0.38 19.74
C SER B 72 -6.33 0.19 20.04
N ARG B 73 -7.18 0.36 19.04
CA ARG B 73 -8.52 0.87 19.33
C ARG B 73 -9.34 -0.16 20.11
N ASP B 74 -9.22 -1.45 19.73
CA ASP B 74 -9.92 -2.52 20.46
C ASP B 74 -9.42 -2.57 21.89
N ALA B 75 -8.10 -2.46 22.04
CA ALA B 75 -7.51 -2.52 23.38
C ALA B 75 -7.96 -1.36 24.23
N THR B 76 -8.06 -0.17 23.61
CA THR B 76 -8.43 1.04 24.33
C THR B 76 -9.89 0.99 24.76
N ARG B 77 -10.76 0.57 23.86
CA ARG B 77 -12.16 0.38 24.23
C ARG B 77 -12.31 -0.61 25.37
N GLU B 78 -11.64 -1.74 25.28
CA GLU B 78 -11.78 -2.71 26.37
C GLU B 78 -11.22 -2.17 27.68
N SER B 79 -10.13 -1.39 27.63
CA SER B 79 -9.58 -0.83 28.87
C SER B 79 -10.54 0.18 29.47
N PHE B 80 -11.19 0.97 28.62
CA PHE B 80 -12.15 1.96 29.12
C PHE B 80 -13.36 1.27 29.73
N ASN B 81 -13.85 0.21 29.08
CA ASN B 81 -15.00 -0.52 29.59
C ASN B 81 -14.70 -1.19 30.92
N LYS B 82 -13.47 -1.67 31.12
CA LYS B 82 -13.12 -2.42 32.30
C LYS B 82 -12.47 -1.56 33.38
N GLY B 83 -12.31 -0.27 33.15
CA GLY B 83 -11.78 0.63 34.15
C GLY B 83 -10.28 0.76 34.22
N LEU B 84 -9.52 0.23 33.25
CA LEU B 84 -8.07 0.39 33.33
C LEU B 84 -7.64 1.80 32.98
N ILE B 85 -8.46 2.54 32.24
CA ILE B 85 -8.19 3.93 31.90
C ILE B 85 -9.46 4.72 32.20
N LYS B 86 -9.29 6.01 32.47
CA LYS B 86 -10.44 6.84 32.84
C LYS B 86 -10.88 7.77 31.73
N GLU B 87 -9.92 8.29 30.96
CA GLU B 87 -10.19 9.34 29.98
C GLU B 87 -10.22 8.70 28.59
N GLY B 88 -11.40 8.20 28.21
CA GLY B 88 -11.51 7.46 26.96
C GLY B 88 -11.23 8.33 25.74
N GLU B 89 -11.75 9.56 25.72
CA GLU B 89 -11.52 10.41 24.55
C GLU B 89 -10.06 10.70 24.35
N ILE B 90 -9.31 10.93 25.45
CA ILE B 90 -7.88 11.21 25.33
C ILE B 90 -7.15 10.01 24.73
N TRP B 91 -7.44 8.82 25.20
CA TRP B 91 -6.76 7.67 24.61
C TRP B 91 -7.17 7.45 23.16
N MET B 92 -8.41 7.79 22.80
CA MET B 92 -8.77 7.66 21.38
C MET B 92 -8.08 8.74 20.56
N GLU B 93 -7.85 9.92 21.16
CA GLU B 93 -7.12 10.94 20.41
C GLU B 93 -5.67 10.51 20.17
N MET B 94 -5.08 9.74 21.10
CA MET B 94 -3.76 9.18 20.88
C MET B 94 -3.66 8.43 19.57
N ILE B 95 -4.70 7.66 19.24
CA ILE B 95 -4.72 6.89 18.00
C ILE B 95 -4.75 7.81 16.80
N LYS B 96 -5.54 8.87 16.87
CA LYS B 96 -5.49 9.86 15.79
C LYS B 96 -4.10 10.46 15.64
N SER B 97 -3.41 10.75 16.77
CA SER B 97 -2.04 11.26 16.67
C SER B 97 -1.08 10.25 16.07
N ARG B 98 -1.18 8.98 16.46
CA ARG B 98 -0.35 7.94 15.83
C ARG B 98 -0.52 7.98 14.32
N ASN B 99 -1.77 8.06 13.87
CA ASN B 99 -2.06 8.03 12.44
C ASN B 99 -1.64 9.29 11.71
N GLN B 100 -1.22 10.33 12.42
CA GLN B 100 -0.70 11.57 11.81
C GLN B 100 0.81 11.55 11.64
N THR B 101 1.47 10.46 12.05
CA THR B 101 2.92 10.43 12.20
C THR B 101 3.64 10.77 10.89
N SER B 102 3.10 10.37 9.75
CA SER B 102 3.81 10.59 8.51
C SER B 102 3.75 12.04 8.08
N HIS B 103 2.92 12.87 8.73
CA HIS B 103 2.69 14.23 8.31
C HIS B 103 3.41 15.24 9.18
N THR B 104 4.32 14.79 10.07
CA THR B 104 4.87 15.71 11.06
C THR B 104 5.98 16.60 10.50
N TYR B 105 6.34 16.44 9.22
CA TYR B 105 7.18 17.45 8.58
C TYR B 105 6.42 18.76 8.35
N ASN B 106 5.10 18.74 8.49
CA ASN B 106 4.34 19.97 8.54
C ASN B 106 4.34 20.50 9.96
N GLN B 107 4.79 21.74 10.13
CA GLN B 107 4.99 22.24 11.49
C GLN B 107 3.68 22.31 12.28
N SER B 108 2.55 22.60 11.63
CA SER B 108 1.29 22.64 12.40
C SER B 108 0.89 21.27 12.93
N VAL B 109 1.15 20.19 12.18
CA VAL B 109 0.84 18.84 12.66
C VAL B 109 1.76 18.47 13.82
N ALA B 110 3.06 18.72 13.66
CA ALA B 110 4.01 18.43 14.74
C ALA B 110 3.64 19.19 16.01
N ASP B 111 3.30 20.47 15.89
CA ASP B 111 2.98 21.28 17.07
C ASP B 111 1.72 20.77 17.73
N GLU B 112 0.76 20.28 16.94
CA GLU B 112 -0.50 19.78 17.52
C GLU B 112 -0.25 18.52 18.32
N ILE B 113 0.50 17.57 17.76
CA ILE B 113 0.77 16.34 18.51
C ILE B 113 1.57 16.66 19.76
N VAL B 114 2.59 17.53 19.63
CA VAL B 114 3.40 17.87 20.81
C VAL B 114 2.53 18.48 21.90
N LYS B 115 1.64 19.42 21.55
CA LYS B 115 0.71 20.02 22.53
C LYS B 115 -0.11 18.95 23.24
N ASN B 116 -0.63 17.98 22.49
CA ASN B 116 -1.42 16.90 23.06
C ASN B 116 -0.61 15.98 23.96
N ILE B 117 0.63 15.68 23.57
CA ILE B 117 1.50 14.83 24.41
C ILE B 117 1.75 15.51 25.74
N ILE B 118 2.07 16.81 25.70
CA ILE B 118 2.42 17.50 26.95
C ILE B 118 1.18 17.74 27.80
N ASN B 119 0.07 18.18 27.18
CA ASN B 119 -1.09 18.62 27.97
C ASN B 119 -1.99 17.48 28.42
N PHE B 120 -1.99 16.35 27.70
CA PHE B 120 -2.94 15.27 27.99
C PHE B 120 -2.31 13.89 28.04
N TYR B 121 -1.45 13.51 27.07
CA TYR B 121 -1.11 12.09 26.96
C TYR B 121 -0.19 11.67 28.09
N HIS B 122 0.75 12.54 28.47
CA HIS B 122 1.72 12.17 29.50
C HIS B 122 1.01 11.77 30.79
N THR B 123 0.05 12.57 31.25
CA THR B 123 -0.73 12.27 32.46
C THR B 123 -1.42 10.92 32.36
N SER B 124 -2.02 10.66 31.20
CA SER B 124 -2.75 9.43 31.00
C SER B 124 -1.83 8.23 31.02
N PHE B 125 -0.65 8.35 30.38
CA PHE B 125 0.34 7.28 30.44
C PHE B 125 0.74 6.99 31.87
N GLN B 126 0.99 8.05 32.67
CA GLN B 126 1.42 7.84 34.05
C GLN B 126 0.33 7.17 34.87
N ALA B 127 -0.92 7.61 34.70
CA ALA B 127 -2.03 7.01 35.45
C ALA B 127 -2.20 5.53 35.09
N PHE B 128 -2.03 5.19 33.80
CA PHE B 128 -2.15 3.79 33.39
C PHE B 128 -1.03 2.95 34.00
N LEU B 129 0.19 3.49 34.04
CA LEU B 129 1.28 2.77 34.69
C LEU B 129 0.94 2.45 36.14
N GLU B 130 0.47 3.46 36.90
CA GLU B 130 0.09 3.24 38.31
C GLU B 130 -1.01 2.20 38.43
N LYS B 131 -2.01 2.26 37.55
CA LYS B 131 -3.12 1.31 37.59
C LYS B 131 -2.64 -0.12 37.38
N MET B 132 -1.78 -0.31 36.39
CA MET B 132 -1.31 -1.66 36.08
C MET B 132 -0.32 -2.16 37.11
N GLN B 133 0.53 -1.27 37.65
CA GLN B 133 1.37 -1.67 38.77
C GLN B 133 0.54 -2.20 39.93
N GLY B 134 -0.59 -1.52 40.21
CA GLY B 134 -1.45 -1.98 41.28
C GLY B 134 -2.06 -3.34 41.00
N LEU B 135 -2.39 -3.62 39.72
CA LEU B 135 -2.98 -4.91 39.37
C LEU B 135 -2.00 -6.07 39.49
N LYS B 136 -0.72 -5.80 39.76
CA LYS B 136 0.20 -6.86 40.14
C LYS B 136 -0.07 -7.37 41.54
N GLU B 137 -0.80 -6.60 42.35
CA GLU B 137 -0.96 -6.88 43.77
C GLU B 137 -2.40 -7.04 44.22
N HIS B 138 -3.36 -6.38 43.58
CA HIS B 138 -4.74 -6.39 44.04
C HIS B 138 -5.64 -6.15 42.83
N GLU B 139 -6.94 -6.32 43.03
CA GLU B 139 -7.84 -5.97 41.92
C GLU B 139 -8.25 -4.50 42.04
N VAL C 6 -15.23 4.89 10.02
CA VAL C 6 -15.79 5.62 8.88
C VAL C 6 -15.30 5.14 7.49
N ARG C 7 -14.03 5.39 7.15
CA ARG C 7 -13.55 5.05 5.81
C ARG C 7 -13.57 3.55 5.59
N TRP C 8 -13.21 2.78 6.63
CA TRP C 8 -13.14 1.34 6.47
C TRP C 8 -14.52 0.75 6.26
N GLN C 9 -15.56 1.36 6.85
CA GLN C 9 -16.89 0.81 6.67
C GLN C 9 -17.41 1.13 5.27
N GLN C 10 -17.03 2.26 4.68
CA GLN C 10 -17.38 2.55 3.30
C GLN C 10 -16.67 1.58 2.36
N ARG C 11 -15.40 1.31 2.64
CA ARG C 11 -14.70 0.32 1.83
C ARG C 11 -15.36 -1.05 1.97
N LEU C 12 -15.77 -1.42 3.18
CA LEU C 12 -16.46 -2.69 3.39
C LEU C 12 -17.72 -2.80 2.55
N ASN C 13 -18.48 -1.69 2.45
CA ASN C 13 -19.70 -1.70 1.66
C ASN C 13 -19.39 -1.89 0.17
N ASN C 14 -18.34 -1.26 -0.35
CA ASN C 14 -17.98 -1.46 -1.74
C ASN C 14 -17.44 -2.86 -1.97
N TYR C 15 -16.74 -3.41 -0.98
CA TYR C 15 -16.28 -4.79 -1.06
C TYR C 15 -17.45 -5.74 -1.17
N ALA C 16 -18.51 -5.50 -0.39
CA ALA C 16 -19.68 -6.37 -0.42
C ALA C 16 -20.34 -6.30 -1.79
N ARG C 17 -20.44 -5.10 -2.36
CA ARG C 17 -21.01 -4.91 -3.70
C ARG C 17 -20.22 -5.65 -4.76
N ALA C 18 -18.90 -5.51 -4.70
CA ALA C 18 -18.03 -6.20 -5.64
C ALA C 18 -18.14 -7.71 -5.47
N LEU C 19 -18.11 -8.19 -4.21
CA LEU C 19 -18.18 -9.63 -4.03
C LEU C 19 -19.52 -10.18 -4.50
N GLN C 20 -20.60 -9.39 -4.41
CA GLN C 20 -21.90 -9.85 -4.90
C GLN C 20 -21.83 -10.17 -6.40
N GLN C 21 -21.10 -9.35 -7.15
CA GLN C 21 -20.95 -9.59 -8.58
C GLN C 21 -20.08 -10.80 -8.86
N LEU C 22 -19.01 -10.98 -8.08
CA LEU C 22 -18.21 -12.19 -8.17
C LEU C 22 -19.05 -13.43 -7.88
N SER C 23 -19.89 -13.36 -6.83
CA SER C 23 -20.71 -14.50 -6.43
C SER C 23 -21.70 -14.89 -7.53
N LEU C 24 -22.29 -13.90 -8.20
CA LEU C 24 -23.19 -14.19 -9.32
C LEU C 24 -22.48 -14.98 -10.41
N ALA C 25 -21.23 -14.61 -10.71
CA ALA C 25 -20.47 -15.29 -11.75
C ALA C 25 -20.09 -16.69 -11.30
N VAL C 26 -19.71 -16.84 -10.02
CA VAL C 26 -19.39 -18.17 -9.51
C VAL C 26 -20.63 -19.06 -9.55
N ASN C 27 -21.78 -18.53 -9.13
CA ASN C 27 -23.02 -19.30 -9.20
C ASN C 27 -23.39 -19.65 -10.65
N LEU C 28 -23.10 -18.77 -11.61
CA LEU C 28 -23.38 -19.11 -13.01
C LEU C 28 -22.48 -20.25 -13.47
N ALA C 29 -21.21 -20.23 -13.04
CA ALA C 29 -20.27 -21.27 -13.42
C ALA C 29 -20.68 -22.62 -12.85
N GLN C 30 -21.39 -22.64 -11.72
CA GLN C 30 -21.86 -23.90 -11.17
C GLN C 30 -23.08 -24.44 -11.90
N THR C 31 -23.72 -23.62 -12.73
CA THR C 31 -24.89 -24.05 -13.49
C THR C 31 -24.51 -24.60 -14.86
N ARG C 32 -23.55 -23.97 -15.52
CA ARG C 32 -23.20 -24.31 -16.89
C ARG C 32 -21.77 -23.88 -17.12
N PRO C 33 -21.09 -24.43 -18.12
CA PRO C 33 -19.71 -24.01 -18.38
C PRO C 33 -19.67 -22.55 -18.83
N LEU C 34 -18.65 -21.82 -18.37
CA LEU C 34 -18.49 -20.44 -18.81
C LEU C 34 -17.75 -20.39 -20.16
N SER C 35 -18.16 -19.45 -21.02
CA SER C 35 -17.41 -19.19 -22.24
C SER C 35 -16.02 -18.65 -21.89
N ASP C 36 -15.11 -18.66 -22.88
CA ASP C 36 -13.79 -18.07 -22.63
C ASP C 36 -13.92 -16.60 -22.22
N LEU C 37 -14.88 -15.87 -22.80
CA LEU C 37 -15.04 -14.46 -22.45
C LEU C 37 -15.59 -14.31 -21.04
N GLU C 38 -16.54 -15.16 -20.65
CA GLU C 38 -17.03 -15.11 -19.28
C GLU C 38 -15.95 -15.52 -18.28
N LYS C 39 -15.04 -16.41 -18.66
CA LYS C 39 -13.93 -16.77 -17.77
C LYS C 39 -13.05 -15.54 -17.51
N GLN C 40 -12.78 -14.76 -18.56
CA GLN C 40 -12.02 -13.54 -18.37
C GLN C 40 -12.77 -12.59 -17.48
N GLY C 41 -14.11 -12.55 -17.60
CA GLY C 41 -14.91 -11.71 -16.71
C GLY C 41 -14.85 -12.12 -15.26
N LEU C 42 -14.86 -13.43 -14.98
CA LEU C 42 -14.71 -13.92 -13.61
C LEU C 42 -13.35 -13.51 -13.04
N ILE C 43 -12.30 -13.59 -13.86
CA ILE C 43 -10.98 -13.19 -13.42
C ILE C 43 -10.97 -11.69 -13.10
N GLN C 44 -11.57 -10.86 -13.96
CA GLN C 44 -11.67 -9.43 -13.65
C GLN C 44 -12.44 -9.19 -12.35
N ALA C 45 -13.55 -9.92 -12.11
CA ALA C 45 -14.29 -9.76 -10.85
C ALA C 45 -13.43 -10.18 -9.66
N PHE C 46 -12.60 -11.22 -9.82
CA PHE C 46 -11.66 -11.57 -8.77
C PHE C 46 -10.67 -10.43 -8.52
N GLU C 47 -10.16 -9.79 -9.58
CA GLU C 47 -9.21 -8.69 -9.42
C GLU C 47 -9.82 -7.55 -8.62
N PHE C 48 -11.05 -7.14 -8.94
CA PHE C 48 -11.57 -5.99 -8.23
C PHE C 48 -12.07 -6.34 -6.84
N THR C 49 -12.50 -7.58 -6.63
CA THR C 49 -12.89 -8.01 -5.29
C THR C 49 -11.66 -8.14 -4.39
N HIS C 50 -10.57 -8.73 -4.90
CA HIS C 50 -9.37 -8.89 -4.06
C HIS C 50 -8.76 -7.53 -3.72
N GLU C 51 -8.77 -6.63 -4.69
CA GLU C 51 -8.24 -5.30 -4.43
C GLU C 51 -9.02 -4.60 -3.33
N LEU C 52 -10.34 -4.69 -3.37
CA LEU C 52 -11.14 -4.13 -2.29
C LEU C 52 -10.85 -4.82 -0.96
N ALA C 53 -10.73 -6.16 -0.99
CA ALA C 53 -10.53 -6.91 0.25
C ALA C 53 -9.27 -6.47 1.00
N TRP C 54 -8.10 -6.47 0.34
CA TRP C 54 -6.93 -6.07 1.13
C TRP C 54 -6.98 -4.60 1.49
N ASN C 55 -7.67 -3.75 0.72
CA ASN C 55 -7.86 -2.38 1.19
C ASN C 55 -8.81 -2.27 2.38
N VAL C 56 -9.82 -3.17 2.51
CA VAL C 56 -10.58 -3.24 3.77
C VAL C 56 -9.66 -3.62 4.93
N MET C 57 -8.78 -4.61 4.73
CA MET C 57 -7.80 -4.95 5.76
C MET C 57 -6.99 -3.73 6.16
N LYS C 58 -6.38 -3.07 5.17
CA LYS C 58 -5.51 -1.94 5.48
C LYS C 58 -6.29 -0.83 6.16
N ASP C 59 -7.49 -0.53 5.69
CA ASP C 59 -8.29 0.54 6.29
C ASP C 59 -8.68 0.19 7.72
N TYR C 60 -9.09 -1.05 7.92
CA TYR C 60 -9.43 -1.50 9.28
C TYR C 60 -8.26 -1.36 10.23
N PHE C 61 -7.07 -1.84 9.83
CA PHE C 61 -5.93 -1.70 10.71
C PHE C 61 -5.54 -0.24 10.93
N PHE C 62 -5.74 0.63 9.94
CA PHE C 62 -5.53 2.05 10.18
C PHE C 62 -6.51 2.60 11.20
N PHE C 63 -7.78 2.17 11.11
CA PHE C 63 -8.80 2.50 12.11
C PHE C 63 -8.37 2.00 13.49
N GLN C 64 -7.68 0.86 13.53
CA GLN C 64 -7.17 0.35 14.81
C GLN C 64 -5.94 1.11 15.29
N GLY C 65 -5.35 1.97 14.46
CA GLY C 65 -4.14 2.70 14.81
C GLY C 65 -2.87 2.08 14.31
N ASN C 66 -2.92 1.18 13.35
CA ASN C 66 -1.73 0.61 12.74
C ASN C 66 -1.55 1.24 11.37
N SER C 67 -0.59 2.18 11.24
CA SER C 67 -0.33 2.80 9.94
C SER C 67 0.96 2.27 9.34
N ALA C 68 1.43 1.12 9.79
CA ALA C 68 2.62 0.48 9.27
C ALA C 68 2.33 -0.41 8.07
N ILE C 69 1.08 -0.77 7.87
CA ILE C 69 0.72 -1.62 6.74
C ILE C 69 0.79 -0.79 5.48
N THR C 70 1.51 -1.28 4.46
CA THR C 70 1.57 -0.53 3.21
C THR C 70 0.86 -1.26 2.07
N GLY C 71 1.12 -2.55 1.90
CA GLY C 71 0.58 -3.24 0.74
C GLY C 71 -0.25 -4.47 1.03
N SER C 72 -0.52 -5.25 -0.02
CA SER C 72 -1.43 -6.39 0.13
C SER C 72 -0.81 -7.51 0.94
N ARG C 73 0.50 -7.77 0.80
CA ARG C 73 1.10 -8.86 1.57
C ARG C 73 1.12 -8.48 3.05
N ASP C 74 1.49 -7.23 3.35
CA ASP C 74 1.49 -6.75 4.74
C ASP C 74 0.11 -6.88 5.36
N ALA C 75 -0.91 -6.42 4.62
CA ALA C 75 -2.28 -6.43 5.10
C ALA C 75 -2.75 -7.85 5.33
N THR C 76 -2.39 -8.75 4.42
CA THR C 76 -2.81 -10.14 4.53
C THR C 76 -2.14 -10.82 5.73
N ARG C 77 -0.84 -10.60 5.88
CA ARG C 77 -0.12 -11.17 7.02
C ARG C 77 -0.71 -10.69 8.33
N GLU C 78 -0.99 -9.39 8.44
CA GLU C 78 -1.54 -8.85 9.67
C GLU C 78 -2.95 -9.38 9.92
N SER C 79 -3.75 -9.51 8.87
CA SER C 79 -5.08 -10.12 9.04
C SER C 79 -5.00 -11.54 9.58
N PHE C 80 -4.06 -12.34 9.07
CA PHE C 80 -3.91 -13.68 9.61
C PHE C 80 -3.45 -13.63 11.06
N ASN C 81 -2.50 -12.75 11.34
CA ASN C 81 -1.95 -12.70 12.71
C ASN C 81 -3.02 -12.31 13.73
N LYS C 82 -3.95 -11.43 13.37
CA LYS C 82 -4.96 -10.92 14.28
C LYS C 82 -6.31 -11.63 14.13
N GLY C 83 -6.35 -12.70 13.34
CA GLY C 83 -7.53 -13.55 13.29
C GLY C 83 -8.66 -13.08 12.39
N LEU C 84 -8.43 -12.11 11.51
CA LEU C 84 -9.47 -11.69 10.58
C LEU C 84 -9.67 -12.71 9.46
N ILE C 85 -8.63 -13.49 9.16
CA ILE C 85 -8.75 -14.60 8.22
C ILE C 85 -8.13 -15.83 8.87
N LYS C 86 -8.60 -16.99 8.42
CA LYS C 86 -8.12 -18.27 8.93
C LYS C 86 -7.19 -18.98 7.94
N GLU C 87 -7.40 -18.76 6.65
CA GLU C 87 -6.65 -19.47 5.61
C GLU C 87 -5.57 -18.56 5.03
N GLY C 88 -4.55 -18.31 5.85
CA GLY C 88 -3.46 -17.43 5.42
C GLY C 88 -2.88 -17.78 4.06
N GLU C 89 -2.67 -19.06 3.80
CA GLU C 89 -2.00 -19.49 2.58
C GLU C 89 -2.88 -19.22 1.35
N ILE C 90 -4.20 -19.43 1.48
CA ILE C 90 -5.10 -19.13 0.39
C ILE C 90 -5.04 -17.65 0.02
N TRP C 91 -5.01 -16.77 1.02
CA TRP C 91 -4.97 -15.34 0.72
C TRP C 91 -3.63 -14.94 0.13
N MET C 92 -2.53 -15.60 0.52
CA MET C 92 -1.25 -15.36 -0.11
C MET C 92 -1.25 -15.86 -1.55
N GLU C 93 -1.94 -16.98 -1.81
CA GLU C 93 -2.09 -17.47 -3.16
C GLU C 93 -2.86 -16.49 -4.05
N MET C 94 -3.85 -15.77 -3.48
CA MET C 94 -4.56 -14.75 -4.27
C MET C 94 -3.60 -13.71 -4.81
N ILE C 95 -2.63 -13.32 -4.01
CA ILE C 95 -1.67 -12.32 -4.46
C ILE C 95 -0.87 -12.88 -5.62
N LYS C 96 -0.49 -14.16 -5.55
CA LYS C 96 0.20 -14.79 -6.69
C LYS C 96 -0.69 -14.81 -7.92
N SER C 97 -1.97 -15.16 -7.75
CA SER C 97 -2.89 -15.17 -8.89
C SER C 97 -3.06 -13.78 -9.48
N ARG C 98 -3.10 -12.73 -8.65
CA ARG C 98 -3.17 -11.37 -9.22
C ARG C 98 -2.01 -11.10 -10.14
N ASN C 99 -0.83 -11.61 -9.79
CA ASN C 99 0.36 -11.37 -10.59
C ASN C 99 0.37 -12.15 -11.87
N GLN C 100 -0.56 -13.08 -12.07
CA GLN C 100 -0.64 -13.84 -13.31
C GLN C 100 -1.68 -13.31 -14.28
N THR C 101 -2.45 -12.26 -13.94
CA THR C 101 -3.63 -12.05 -14.78
C THR C 101 -3.26 -11.47 -16.13
N SER C 102 -2.08 -10.85 -16.27
CA SER C 102 -1.66 -10.47 -17.63
C SER C 102 -1.42 -11.66 -18.55
N HIS C 103 -1.37 -12.88 -18.04
CA HIS C 103 -1.10 -14.06 -18.86
C HIS C 103 -2.34 -14.86 -19.18
N THR C 104 -3.55 -14.32 -18.92
CA THR C 104 -4.76 -15.11 -19.11
C THR C 104 -5.25 -15.19 -20.55
N TYR C 105 -4.50 -14.65 -21.50
CA TYR C 105 -4.75 -14.96 -22.89
C TYR C 105 -4.27 -16.37 -23.24
N ASN C 106 -3.60 -17.06 -22.33
CA ASN C 106 -3.30 -18.48 -22.47
C ASN C 106 -4.39 -19.25 -21.74
N GLN C 107 -5.09 -20.14 -22.46
CA GLN C 107 -6.25 -20.81 -21.87
C GLN C 107 -5.86 -21.56 -20.61
N SER C 108 -4.66 -22.14 -20.58
CA SER C 108 -4.27 -22.92 -19.41
C SER C 108 -4.13 -22.05 -18.16
N VAL C 109 -3.62 -20.82 -18.32
CA VAL C 109 -3.50 -19.89 -17.20
C VAL C 109 -4.89 -19.43 -16.74
N ALA C 110 -5.75 -19.05 -17.70
CA ALA C 110 -7.11 -18.62 -17.38
C ALA C 110 -7.88 -19.73 -16.66
N ASP C 111 -7.74 -20.97 -17.13
CA ASP C 111 -8.46 -22.04 -16.47
C ASP C 111 -7.97 -22.24 -15.04
N GLU C 112 -6.66 -22.14 -14.81
CA GLU C 112 -6.13 -22.41 -13.49
C GLU C 112 -6.58 -21.33 -12.50
N ILE C 113 -6.58 -20.06 -12.92
CA ILE C 113 -7.05 -19.01 -12.01
C ILE C 113 -8.55 -19.17 -11.74
N VAL C 114 -9.33 -19.43 -12.78
CA VAL C 114 -10.76 -19.62 -12.62
C VAL C 114 -11.04 -20.75 -11.62
N LYS C 115 -10.32 -21.87 -11.76
CA LYS C 115 -10.53 -22.97 -10.81
C LYS C 115 -10.23 -22.55 -9.37
N ASN C 116 -9.14 -21.80 -9.14
CA ASN C 116 -8.81 -21.35 -7.77
C ASN C 116 -9.86 -20.37 -7.24
N ILE C 117 -10.37 -19.48 -8.11
CA ILE C 117 -11.43 -18.55 -7.70
C ILE C 117 -12.65 -19.30 -7.20
N ILE C 118 -13.11 -20.26 -8.00
CA ILE C 118 -14.32 -21.02 -7.68
C ILE C 118 -14.09 -21.93 -6.49
N ASN C 119 -12.94 -22.61 -6.46
CA ASN C 119 -12.72 -23.66 -5.47
C ASN C 119 -12.25 -23.13 -4.13
N PHE C 120 -11.56 -21.99 -4.09
CA PHE C 120 -11.02 -21.51 -2.82
C PHE C 120 -11.30 -20.04 -2.54
N TYR C 121 -11.09 -19.17 -3.54
CA TYR C 121 -11.09 -17.74 -3.22
C TYR C 121 -12.49 -17.24 -2.85
N HIS C 122 -13.50 -17.71 -3.56
CA HIS C 122 -14.84 -17.19 -3.31
C HIS C 122 -15.28 -17.44 -1.87
N THR C 123 -15.10 -18.67 -1.37
CA THR C 123 -15.52 -18.94 0.00
C THR C 123 -14.70 -18.14 1.00
N SER C 124 -13.41 -17.96 0.73
CA SER C 124 -12.60 -17.13 1.62
C SER C 124 -13.08 -15.70 1.64
N PHE C 125 -13.45 -15.16 0.45
CA PHE C 125 -14.00 -13.80 0.40
C PHE C 125 -15.26 -13.69 1.25
N GLN C 126 -16.14 -14.69 1.14
CA GLN C 126 -17.39 -14.67 1.87
C GLN C 126 -17.15 -14.71 3.37
N ALA C 127 -16.19 -15.53 3.80
CA ALA C 127 -15.89 -15.64 5.23
C ALA C 127 -15.37 -14.32 5.78
N PHE C 128 -14.51 -13.66 5.01
CA PHE C 128 -13.97 -12.37 5.42
C PHE C 128 -15.07 -11.33 5.50
N LEU C 129 -15.96 -11.30 4.51
CA LEU C 129 -17.09 -10.38 4.58
C LEU C 129 -17.88 -10.60 5.87
N GLU C 130 -18.26 -11.84 6.17
CA GLU C 130 -19.00 -12.13 7.40
C GLU C 130 -18.24 -11.70 8.65
N LYS C 131 -16.91 -11.88 8.65
CA LYS C 131 -16.13 -11.51 9.81
C LYS C 131 -16.09 -10.00 10.00
N MET C 132 -15.92 -9.25 8.91
CA MET C 132 -15.85 -7.80 9.05
C MET C 132 -17.21 -7.20 9.31
N GLN C 133 -18.27 -7.80 8.78
CA GLN C 133 -19.59 -7.24 9.08
C GLN C 133 -19.89 -7.38 10.55
N GLY C 134 -19.47 -8.49 11.16
CA GLY C 134 -19.68 -8.67 12.59
C GLY C 134 -18.89 -7.69 13.44
N LEU C 135 -17.69 -7.32 12.99
CA LEU C 135 -16.91 -6.27 13.68
C LEU C 135 -17.56 -4.91 13.51
N LYS C 136 -18.14 -4.64 12.34
CA LYS C 136 -18.84 -3.38 12.09
C LYS C 136 -20.08 -3.34 12.97
N VAL D 6 14.15 -13.35 -31.38
CA VAL D 6 14.39 -12.00 -30.90
C VAL D 6 13.21 -11.64 -29.98
N ARG D 7 13.49 -11.02 -28.83
CA ARG D 7 12.48 -10.94 -27.79
C ARG D 7 11.28 -10.12 -28.24
N TRP D 8 11.51 -8.99 -28.91
CA TRP D 8 10.34 -8.17 -29.23
C TRP D 8 9.44 -8.88 -30.24
N GLN D 9 10.01 -9.74 -31.07
CA GLN D 9 9.19 -10.48 -32.04
C GLN D 9 8.41 -11.60 -31.39
N GLN D 10 9.00 -12.24 -30.38
CA GLN D 10 8.24 -13.19 -29.56
C GLN D 10 7.11 -12.47 -28.85
N ARG D 11 7.40 -11.30 -28.29
CA ARG D 11 6.35 -10.54 -27.63
C ARG D 11 5.26 -10.17 -28.62
N LEU D 12 5.64 -9.84 -29.86
CA LEU D 12 4.65 -9.48 -30.86
C LEU D 12 3.75 -10.66 -31.21
N ASN D 13 4.30 -11.88 -31.25
CA ASN D 13 3.48 -13.03 -31.60
C ASN D 13 2.40 -13.26 -30.54
N ASN D 14 2.74 -13.05 -29.26
CA ASN D 14 1.74 -13.17 -28.21
C ASN D 14 0.75 -12.01 -28.25
N TYR D 15 1.22 -10.80 -28.51
CA TYR D 15 0.32 -9.68 -28.77
C TYR D 15 -0.71 -10.04 -29.84
N ALA D 16 -0.27 -10.67 -30.93
CA ALA D 16 -1.21 -11.02 -31.99
C ALA D 16 -2.26 -12.01 -31.50
N ARG D 17 -1.85 -12.99 -30.69
CA ARG D 17 -2.81 -13.95 -30.13
C ARG D 17 -3.79 -13.27 -29.18
N ALA D 18 -3.29 -12.39 -28.31
CA ALA D 18 -4.19 -11.67 -27.41
C ALA D 18 -5.15 -10.79 -28.17
N LEU D 19 -4.66 -10.06 -29.19
CA LEU D 19 -5.52 -9.17 -29.96
C LEU D 19 -6.62 -9.97 -30.67
N GLN D 20 -6.29 -11.17 -31.12
CA GLN D 20 -7.30 -12.01 -31.78
C GLN D 20 -8.45 -12.30 -30.82
N GLN D 21 -8.13 -12.54 -29.54
CA GLN D 21 -9.16 -12.79 -28.54
C GLN D 21 -9.95 -11.53 -28.22
N LEU D 22 -9.27 -10.39 -28.07
CA LEU D 22 -10.00 -9.15 -27.88
C LEU D 22 -10.91 -8.87 -29.08
N SER D 23 -10.45 -9.14 -30.30
CA SER D 23 -11.29 -8.83 -31.45
C SER D 23 -12.55 -9.67 -31.46
N LEU D 24 -12.45 -10.95 -31.05
CA LEU D 24 -13.67 -11.78 -30.98
C LEU D 24 -14.71 -11.13 -30.09
N ALA D 25 -14.28 -10.63 -28.92
CA ALA D 25 -15.20 -10.01 -27.98
C ALA D 25 -15.72 -8.67 -28.51
N VAL D 26 -14.87 -7.87 -29.17
CA VAL D 26 -15.33 -6.60 -29.73
C VAL D 26 -16.34 -6.85 -30.84
N ASN D 27 -16.07 -7.83 -31.70
CA ASN D 27 -17.00 -8.13 -32.77
C ASN D 27 -18.31 -8.67 -32.24
N LEU D 28 -18.26 -9.45 -31.14
CA LEU D 28 -19.49 -9.92 -30.51
C LEU D 28 -20.32 -8.74 -29.98
N ALA D 29 -19.66 -7.76 -29.36
CA ALA D 29 -20.35 -6.60 -28.81
C ALA D 29 -20.97 -5.71 -29.88
N GLN D 30 -20.51 -5.79 -31.12
CA GLN D 30 -21.14 -5.07 -32.21
C GLN D 30 -22.47 -5.70 -32.64
N THR D 31 -22.74 -6.95 -32.25
CA THR D 31 -23.91 -7.69 -32.71
C THR D 31 -25.00 -7.88 -31.66
N ARG D 32 -24.71 -7.72 -30.38
CA ARG D 32 -25.73 -7.87 -29.35
C ARG D 32 -25.20 -7.27 -28.06
N PRO D 33 -26.06 -6.90 -27.12
CA PRO D 33 -25.56 -6.46 -25.82
C PRO D 33 -24.72 -7.56 -25.18
N LEU D 34 -23.64 -7.14 -24.52
CA LEU D 34 -22.86 -8.02 -23.65
C LEU D 34 -23.52 -8.13 -22.28
N SER D 35 -23.43 -9.32 -21.67
CA SER D 35 -23.85 -9.43 -20.28
C SER D 35 -22.88 -8.68 -19.38
N ASP D 36 -23.28 -8.48 -18.12
CA ASP D 36 -22.40 -7.79 -17.19
C ASP D 36 -21.07 -8.53 -17.08
N LEU D 37 -21.11 -9.87 -17.02
CA LEU D 37 -19.88 -10.66 -16.92
C LEU D 37 -19.06 -10.58 -18.19
N GLU D 38 -19.73 -10.58 -19.36
CA GLU D 38 -18.97 -10.46 -20.59
C GLU D 38 -18.29 -9.10 -20.73
N LYS D 39 -18.96 -8.02 -20.30
CA LYS D 39 -18.29 -6.72 -20.24
C LYS D 39 -17.01 -6.78 -19.43
N GLN D 40 -17.05 -7.40 -18.25
CA GLN D 40 -15.82 -7.50 -17.48
C GLN D 40 -14.77 -8.31 -18.21
N GLY D 41 -15.19 -9.31 -18.98
CA GLY D 41 -14.23 -10.10 -19.77
C GLY D 41 -13.59 -9.30 -20.89
N LEU D 42 -14.37 -8.42 -21.53
CA LEU D 42 -13.83 -7.52 -22.55
C LEU D 42 -12.81 -6.59 -21.93
N ILE D 43 -13.07 -6.12 -20.71
CA ILE D 43 -12.10 -5.27 -20.04
C ILE D 43 -10.83 -6.06 -19.73
N GLN D 44 -10.96 -7.29 -19.23
CA GLN D 44 -9.75 -8.10 -18.97
C GLN D 44 -8.97 -8.37 -20.26
N ALA D 45 -9.65 -8.62 -21.38
CA ALA D 45 -8.94 -8.81 -22.65
C ALA D 45 -8.25 -7.52 -23.08
N PHE D 46 -8.91 -6.37 -22.89
CA PHE D 46 -8.20 -5.11 -23.10
C PHE D 46 -6.93 -5.03 -22.23
N GLU D 47 -7.03 -5.43 -20.96
CA GLU D 47 -5.88 -5.32 -20.08
C GLU D 47 -4.72 -6.18 -20.58
N PHE D 48 -4.98 -7.43 -20.97
CA PHE D 48 -3.82 -8.23 -21.37
C PHE D 48 -3.33 -7.85 -22.76
N THR D 49 -4.19 -7.28 -23.60
CA THR D 49 -3.74 -6.86 -24.93
C THR D 49 -2.90 -5.58 -24.83
N HIS D 50 -3.35 -4.63 -24.03
CA HIS D 50 -2.59 -3.40 -23.85
C HIS D 50 -1.25 -3.68 -23.18
N GLU D 51 -1.24 -4.54 -22.15
CA GLU D 51 0.02 -4.87 -21.49
C GLU D 51 1.00 -5.50 -22.46
N LEU D 52 0.52 -6.37 -23.36
CA LEU D 52 1.43 -6.89 -24.36
C LEU D 52 1.90 -5.77 -25.32
N ALA D 53 0.98 -4.89 -25.72
CA ALA D 53 1.33 -3.89 -26.75
C ALA D 53 2.42 -2.95 -26.26
N TRP D 54 2.32 -2.44 -25.02
CA TRP D 54 3.35 -1.49 -24.65
C TRP D 54 4.66 -2.21 -24.34
N ASN D 55 4.60 -3.48 -23.93
CA ASN D 55 5.85 -4.25 -23.80
C ASN D 55 6.50 -4.57 -25.14
N VAL D 56 5.72 -4.77 -26.22
CA VAL D 56 6.32 -4.81 -27.56
C VAL D 56 7.07 -3.53 -27.82
N MET D 57 6.43 -2.39 -27.51
CA MET D 57 7.10 -1.11 -27.73
C MET D 57 8.41 -1.05 -26.94
N LYS D 58 8.34 -1.37 -25.63
CA LYS D 58 9.51 -1.27 -24.80
C LYS D 58 10.60 -2.19 -25.31
N ASP D 59 10.23 -3.43 -25.66
CA ASP D 59 11.23 -4.39 -26.12
C ASP D 59 11.88 -3.90 -27.41
N TYR D 60 11.05 -3.39 -28.33
CA TYR D 60 11.55 -2.93 -29.61
C TYR D 60 12.54 -1.78 -29.42
N PHE D 61 12.19 -0.79 -28.61
CA PHE D 61 13.10 0.33 -28.42
C PHE D 61 14.35 -0.08 -27.65
N PHE D 62 14.22 -1.06 -26.74
CA PHE D 62 15.39 -1.58 -26.03
C PHE D 62 16.35 -2.23 -27.01
N PHE D 63 15.80 -3.00 -27.96
CA PHE D 63 16.60 -3.63 -29.02
C PHE D 63 17.31 -2.59 -29.89
N GLN D 64 16.75 -1.39 -30.03
CA GLN D 64 17.37 -0.31 -30.77
C GLN D 64 18.31 0.53 -29.92
N GLY D 65 18.50 0.19 -28.66
CA GLY D 65 19.43 0.88 -27.78
C GLY D 65 18.87 1.88 -26.81
N ASN D 66 17.54 2.02 -26.71
CA ASN D 66 16.91 2.92 -25.75
C ASN D 66 16.62 2.15 -24.47
N SER D 67 17.31 2.50 -23.39
CA SER D 67 17.05 1.88 -22.10
C SER D 67 16.37 2.82 -21.11
N ALA D 68 15.75 3.90 -21.58
CA ALA D 68 15.16 4.89 -20.69
C ALA D 68 13.63 4.78 -20.56
N ILE D 69 13.02 3.70 -21.01
CA ILE D 69 11.56 3.56 -20.94
C ILE D 69 11.18 2.90 -19.62
N THR D 70 10.42 3.62 -18.77
CA THR D 70 10.10 3.13 -17.43
C THR D 70 8.73 2.49 -17.29
N GLY D 71 7.89 2.53 -18.31
CA GLY D 71 6.51 2.11 -18.16
C GLY D 71 5.73 2.43 -19.42
N SER D 72 4.42 2.20 -19.35
CA SER D 72 3.61 2.25 -20.57
C SER D 72 3.50 3.68 -21.12
N ARG D 73 3.53 4.71 -20.26
CA ARG D 73 3.45 6.08 -20.76
C ARG D 73 4.71 6.45 -21.53
N ASP D 74 5.89 6.14 -20.97
CA ASP D 74 7.12 6.36 -21.72
C ASP D 74 7.12 5.62 -23.04
N ALA D 75 6.65 4.36 -23.05
CA ALA D 75 6.65 3.57 -24.28
C ALA D 75 5.73 4.20 -25.31
N THR D 76 4.56 4.68 -24.88
CA THR D 76 3.62 5.32 -25.79
C THR D 76 4.19 6.62 -26.34
N ARG D 77 4.78 7.44 -25.48
CA ARG D 77 5.37 8.68 -25.99
C ARG D 77 6.45 8.40 -27.03
N GLU D 78 7.32 7.43 -26.76
CA GLU D 78 8.38 7.12 -27.70
C GLU D 78 7.80 6.55 -29.01
N SER D 79 6.76 5.73 -28.91
CA SER D 79 6.14 5.19 -30.13
C SER D 79 5.53 6.30 -30.97
N PHE D 80 4.90 7.28 -30.32
CA PHE D 80 4.35 8.40 -31.08
C PHE D 80 5.47 9.19 -31.77
N ASN D 81 6.55 9.46 -31.04
CA ASN D 81 7.67 10.21 -31.62
C ASN D 81 8.33 9.45 -32.78
N LYS D 82 8.35 8.12 -32.75
CA LYS D 82 9.06 7.35 -33.76
C LYS D 82 8.12 6.75 -34.81
N GLY D 83 6.85 7.14 -34.79
CA GLY D 83 5.89 6.76 -35.81
C GLY D 83 5.34 5.36 -35.70
N LEU D 84 5.43 4.71 -34.53
CA LEU D 84 4.85 3.38 -34.43
C LEU D 84 3.36 3.44 -34.23
N ILE D 85 2.86 4.56 -33.70
CA ILE D 85 1.45 4.82 -33.54
C ILE D 85 1.17 6.19 -34.12
N LYS D 86 -0.06 6.38 -34.56
CA LYS D 86 -0.54 7.65 -35.06
C LYS D 86 -1.46 8.32 -34.06
N GLU D 87 -2.27 7.52 -33.35
CA GLU D 87 -3.32 8.07 -32.48
C GLU D 87 -2.79 8.22 -31.06
N GLY D 88 -1.91 9.22 -30.88
CA GLY D 88 -1.22 9.34 -29.60
C GLY D 88 -2.17 9.54 -28.44
N GLU D 89 -3.21 10.36 -28.63
CA GLU D 89 -4.12 10.65 -27.52
C GLU D 89 -4.96 9.44 -27.15
N ILE D 90 -5.30 8.61 -28.14
CA ILE D 90 -6.04 7.38 -27.85
C ILE D 90 -5.19 6.44 -27.00
N TRP D 91 -3.91 6.25 -27.36
CA TRP D 91 -3.07 5.37 -26.57
C TRP D 91 -2.85 5.95 -25.19
N MET D 92 -2.83 7.27 -25.05
CA MET D 92 -2.73 7.80 -23.69
C MET D 92 -4.00 7.53 -22.89
N GLU D 93 -5.15 7.61 -23.55
CA GLU D 93 -6.42 7.32 -22.90
C GLU D 93 -6.47 5.86 -22.45
N MET D 94 -5.76 4.98 -23.16
CA MET D 94 -5.72 3.58 -22.77
C MET D 94 -5.12 3.44 -21.38
N ILE D 95 -4.10 4.26 -21.08
CA ILE D 95 -3.45 4.21 -19.77
C ILE D 95 -4.42 4.64 -18.68
N LYS D 96 -5.23 5.66 -18.96
CA LYS D 96 -6.24 6.09 -18.01
C LYS D 96 -7.24 4.97 -17.76
N SER D 97 -7.65 4.26 -18.82
CA SER D 97 -8.51 3.09 -18.66
C SER D 97 -7.86 2.00 -17.81
N ARG D 98 -6.59 1.67 -18.08
CA ARG D 98 -5.92 0.66 -17.27
C ARG D 98 -5.97 1.05 -15.81
N ASN D 99 -5.78 2.33 -15.52
CA ASN D 99 -5.73 2.72 -14.11
C ASN D 99 -7.11 2.75 -13.47
N GLN D 100 -8.17 2.60 -14.25
CA GLN D 100 -9.51 2.48 -13.67
C GLN D 100 -10.02 1.06 -13.47
N THR D 101 -9.25 0.02 -13.80
CA THR D 101 -9.95 -1.25 -13.87
C THR D 101 -10.29 -1.80 -12.48
N SER D 102 -9.66 -1.30 -11.41
CA SER D 102 -10.12 -1.74 -10.10
C SER D 102 -11.51 -1.21 -9.75
N HIS D 103 -12.03 -0.27 -10.53
CA HIS D 103 -13.31 0.37 -10.25
C HIS D 103 -14.44 -0.13 -11.15
N THR D 104 -14.23 -1.21 -11.92
CA THR D 104 -15.24 -1.65 -12.88
C THR D 104 -16.39 -2.43 -12.26
N TYR D 105 -16.42 -2.59 -10.94
CA TYR D 105 -17.64 -3.06 -10.31
C TYR D 105 -18.70 -1.97 -10.25
N ASN D 106 -18.34 -0.73 -10.60
CA ASN D 106 -19.32 0.32 -10.86
C ASN D 106 -19.66 0.37 -12.35
N GLN D 107 -20.96 0.32 -12.66
CA GLN D 107 -21.42 0.26 -14.05
C GLN D 107 -20.94 1.44 -14.87
N SER D 108 -20.96 2.65 -14.29
CA SER D 108 -20.53 3.84 -15.03
C SER D 108 -19.10 3.70 -15.53
N VAL D 109 -18.23 3.14 -14.70
CA VAL D 109 -16.84 2.95 -15.08
C VAL D 109 -16.72 1.86 -16.13
N ALA D 110 -17.38 0.71 -15.89
CA ALA D 110 -17.24 -0.40 -16.81
C ALA D 110 -17.77 -0.01 -18.18
N ASP D 111 -18.91 0.69 -18.21
CA ASP D 111 -19.45 1.04 -19.53
C ASP D 111 -18.59 2.06 -20.26
N GLU D 112 -17.92 2.95 -19.53
CA GLU D 112 -17.01 3.90 -20.14
C GLU D 112 -15.80 3.20 -20.74
N ILE D 113 -15.18 2.25 -20.02
CA ILE D 113 -14.04 1.54 -20.60
C ILE D 113 -14.47 0.72 -21.81
N VAL D 114 -15.59 0.00 -21.66
CA VAL D 114 -16.09 -0.82 -22.77
C VAL D 114 -16.30 0.03 -24.01
N LYS D 115 -16.91 1.22 -23.84
CA LYS D 115 -17.18 2.06 -25.00
C LYS D 115 -15.89 2.50 -25.67
N ASN D 116 -14.87 2.83 -24.86
CA ASN D 116 -13.59 3.22 -25.44
C ASN D 116 -12.91 2.06 -26.15
N ILE D 117 -12.99 0.85 -25.58
CA ILE D 117 -12.38 -0.33 -26.21
C ILE D 117 -12.99 -0.56 -27.59
N ILE D 118 -14.31 -0.51 -27.67
CA ILE D 118 -15.01 -0.77 -28.92
C ILE D 118 -14.81 0.38 -29.91
N ASN D 119 -14.99 1.62 -29.47
CA ASN D 119 -15.01 2.74 -30.40
C ASN D 119 -13.61 3.21 -30.79
N PHE D 120 -12.60 3.05 -29.94
CA PHE D 120 -11.28 3.60 -30.26
C PHE D 120 -10.14 2.61 -30.13
N TYR D 121 -10.08 1.81 -29.06
CA TYR D 121 -8.86 1.05 -28.82
C TYR D 121 -8.68 -0.10 -29.79
N HIS D 122 -9.77 -0.79 -30.16
CA HIS D 122 -9.63 -1.95 -31.03
C HIS D 122 -8.93 -1.61 -32.34
N THR D 123 -9.37 -0.53 -33.00
CA THR D 123 -8.70 -0.20 -34.26
C THR D 123 -7.28 0.32 -34.06
N SER D 124 -7.01 1.00 -32.93
CA SER D 124 -5.64 1.42 -32.65
C SER D 124 -4.74 0.20 -32.44
N PHE D 125 -5.24 -0.85 -31.78
CA PHE D 125 -4.46 -2.08 -31.62
C PHE D 125 -4.19 -2.74 -32.97
N GLN D 126 -5.19 -2.77 -33.84
CA GLN D 126 -5.02 -3.33 -35.19
C GLN D 126 -3.96 -2.56 -35.99
N ALA D 127 -4.00 -1.23 -35.93
CA ALA D 127 -2.99 -0.46 -36.64
C ALA D 127 -1.60 -0.79 -36.12
N PHE D 128 -1.45 -0.93 -34.80
CA PHE D 128 -0.15 -1.22 -34.24
C PHE D 128 0.33 -2.61 -34.65
N LEU D 129 -0.57 -3.57 -34.70
CA LEU D 129 -0.18 -4.89 -35.15
C LEU D 129 0.38 -4.84 -36.56
N GLU D 130 -0.26 -4.09 -37.45
CA GLU D 130 0.20 -4.03 -38.83
C GLU D 130 1.56 -3.34 -38.94
N LYS D 131 1.73 -2.24 -38.19
CA LYS D 131 3.01 -1.53 -38.18
C LYS D 131 4.14 -2.45 -37.73
N MET D 132 3.94 -3.17 -36.62
CA MET D 132 5.02 -3.96 -36.07
C MET D 132 5.31 -5.18 -36.92
N GLN D 133 4.29 -5.79 -37.52
CA GLN D 133 4.52 -6.90 -38.45
C GLN D 133 5.34 -6.45 -39.66
N GLY D 134 5.14 -5.21 -40.12
CA GLY D 134 5.95 -4.68 -41.19
C GLY D 134 7.41 -4.48 -40.82
N LEU D 135 7.67 -4.26 -39.54
CA LEU D 135 9.04 -4.15 -39.06
C LEU D 135 9.68 -5.52 -38.82
N LYS D 136 8.86 -6.57 -38.67
CA LYS D 136 9.34 -7.93 -38.38
C LYS D 136 9.75 -8.67 -39.65
P AMP E . 10.70 -3.25 23.65
O1P AMP E . 12.19 -3.26 23.57
O2P AMP E . 9.92 -2.93 22.39
O5' AMP E . 10.30 -4.74 24.03
C5' AMP E . 11.23 -5.54 24.76
C4' AMP E . 11.59 -6.79 24.00
O4' AMP E . 11.35 -6.58 22.58
C3' AMP E . 13.07 -7.18 24.06
O3' AMP E . 13.43 -7.85 25.26
C2' AMP E . 13.25 -8.01 22.79
O2' AMP E . 12.77 -9.34 22.98
C1' AMP E . 12.32 -7.28 21.82
N9 AMP E . 13.05 -6.31 20.98
C8 AMP E . 13.84 -5.29 21.40
N7 AMP E . 14.38 -4.63 20.35
C5 AMP E . 13.95 -5.24 19.21
C6 AMP E . 14.12 -5.06 17.75
N6 AMP E . 14.89 -4.06 17.22
N1 AMP E . 13.47 -5.93 16.94
C2 AMP E . 12.68 -6.92 17.41
N3 AMP E . 12.48 -7.14 18.72
C4 AMP E . 13.07 -6.34 19.65
MG MG F . 7.94 7.49 14.25
P AMP G . 2.40 15.56 3.46
O1P AMP G . 2.08 14.85 4.76
O2P AMP G . 1.99 17.01 3.38
O5' AMP G . 1.66 14.75 2.30
C5' AMP G . 0.68 15.37 1.48
C4' AMP G . -0.61 14.61 1.45
O4' AMP G . -0.96 14.22 2.81
C3' AMP G . -1.81 15.36 0.88
O3' AMP G . -2.65 14.46 0.16
C2' AMP G . -2.52 15.88 2.14
O2' AMP G . -3.92 16.08 1.98
C1' AMP G . -2.21 14.78 3.17
N9 AMP G . -2.12 15.26 4.57
C8 AMP G . -1.37 16.28 5.07
N7 AMP G . -1.52 16.44 6.43
C5 AMP G . -2.39 15.49 6.82
C6 AMP G . -3.00 15.08 8.11
N6 AMP G . -2.71 15.71 9.27
N1 AMP G . -3.88 14.03 8.08
C2 AMP G . -4.17 13.37 6.95
N3 AMP G . -3.66 13.68 5.74
C4 AMP G . -2.78 14.72 5.61
P AMP H . 2.41 -14.38 -22.36
O1P AMP H . 3.75 -13.71 -22.49
O2P AMP H . 1.75 -14.54 -21.02
O5' AMP H . 2.54 -15.86 -22.93
C5' AMP H . 3.69 -16.24 -23.69
C4' AMP H . 4.26 -17.59 -23.27
O4' AMP H . 3.22 -18.60 -23.41
C3' AMP H . 5.44 -18.07 -24.12
O3' AMP H . 6.31 -18.87 -23.32
C2' AMP H . 4.75 -18.95 -25.17
O2' AMP H . 5.60 -19.89 -25.78
C1' AMP H . 3.66 -19.61 -24.31
N9 AMP H . 2.49 -20.09 -25.06
C8 AMP H . 1.40 -20.58 -24.43
N7 AMP H . 0.46 -20.99 -25.32
C5 AMP H . 0.95 -20.77 -26.56
C6 AMP H . 0.45 -20.98 -27.95
N6 AMP H . -0.77 -21.51 -28.17
N1 AMP H . 1.26 -20.61 -28.98
C2 AMP H . 2.48 -20.07 -28.76
N3 AMP H . 3.00 -19.86 -27.53
C4 AMP H . 2.30 -20.18 -26.40
MG MG I . -7.94 -7.28 -14.93
P AMP J . -14.77 1.65 -5.60
O1P AMP J . -13.95 2.02 -4.39
O2P AMP J . -14.24 1.99 -6.97
O5' AMP J . -16.13 2.47 -5.47
C5' AMP J . -16.37 3.24 -4.30
C4' AMP J . -17.15 4.50 -4.56
O4' AMP J . -17.92 4.38 -5.78
C3' AMP J . -18.20 4.83 -3.51
O3' AMP J . -17.68 5.38 -2.30
C2' AMP J . -19.15 5.76 -4.27
O2' AMP J . -18.67 7.10 -4.24
C1' AMP J . -19.05 5.23 -5.71
N9 AMP J . -20.25 4.48 -6.12
C8 AMP J . -21.12 3.87 -5.29
N7 AMP J . -22.13 3.27 -5.97
C5 AMP J . -21.92 3.50 -7.29
C6 AMP J . -22.60 3.15 -8.55
N6 AMP J . -23.75 2.43 -8.54
N1 AMP J . -22.06 3.60 -9.71
C2 AMP J . -20.93 4.33 -9.73
N3 AMP J . -20.24 4.68 -8.62
C4 AMP J . -20.69 4.31 -7.38
#